data_8YQD
#
_entry.id   8YQD
#
_cell.length_a   85.303
_cell.length_b   42.606
_cell.length_c   63.774
_cell.angle_alpha   90.00
_cell.angle_beta   90.00
_cell.angle_gamma   90.00
#
_symmetry.space_group_name_H-M   'P 21 21 2'
#
loop_
_entity.id
_entity.type
_entity.pdbx_description
1 polymer Transthyretin
2 non-polymer '2-(3,5-dichlorophenyl)-1,3-benzoxazole-6-carboxylic acid'
3 water water
#
_entity_poly.entity_id   1
_entity_poly.type   'polypeptide(L)'
_entity_poly.pdbx_seq_one_letter_code
;GPTGTGESKCPLMVKVLDAVRGSPAINVAVHVFRKAADDTWEPFASGKTSESGELHGLTTEEEFVEGIYKVEIDTKSYWK
ALGISPFHEHAEVVFTSNDSGPRRYTIAALLSPYSYSTTAVVTN
;
_entity_poly.pdbx_strand_id   A,B
#
loop_
_chem_comp.id
_chem_comp.type
_chem_comp.name
_chem_comp.formula
3MI non-polymer '2-(3,5-dichlorophenyl)-1,3-benzoxazole-6-carboxylic acid' 'C14 H7 Cl2 N O3'
#
# COMPACT_ATOMS: atom_id res chain seq x y z
N CYS A 10 -9.26 -22.66 -2.91
CA CYS A 10 -8.45 -21.48 -3.17
C CYS A 10 -8.78 -20.37 -2.16
N PRO A 11 -8.12 -20.39 -1.00
CA PRO A 11 -8.44 -19.43 0.06
C PRO A 11 -7.90 -18.03 -0.16
N LEU A 12 -6.97 -17.84 -1.10
CA LEU A 12 -6.37 -16.53 -1.34
C LEU A 12 -6.20 -16.35 -2.84
N MET A 13 -6.89 -15.36 -3.40
CA MET A 13 -6.79 -15.05 -4.82
C MET A 13 -6.50 -13.57 -4.96
N VAL A 14 -5.77 -13.20 -6.02
CA VAL A 14 -5.37 -11.81 -6.25
C VAL A 14 -5.81 -11.44 -7.66
N LYS A 15 -6.47 -10.30 -7.80
CA LYS A 15 -6.95 -9.82 -9.09
C LYS A 15 -6.40 -8.42 -9.29
N VAL A 16 -5.81 -8.17 -10.46
CA VAL A 16 -5.17 -6.88 -10.74
C VAL A 16 -5.71 -6.32 -12.05
N LEU A 17 -6.16 -5.06 -12.02
CA LEU A 17 -6.71 -4.38 -13.18
C LEU A 17 -5.88 -3.15 -13.51
N ASP A 18 -5.86 -2.79 -14.78
CA ASP A 18 -5.11 -1.65 -15.29
C ASP A 18 -6.10 -0.56 -15.69
N ALA A 19 -6.04 0.58 -15.00
CA ALA A 19 -6.98 1.69 -15.16
C ALA A 19 -6.63 2.62 -16.31
N VAL A 20 -5.46 2.45 -16.93
CA VAL A 20 -5.07 3.23 -18.09
C VAL A 20 -5.59 2.60 -19.37
N ARG A 21 -5.39 1.28 -19.49
CA ARG A 21 -5.78 0.56 -20.68
C ARG A 21 -7.15 -0.10 -20.55
N GLY A 22 -7.72 -0.15 -19.35
CA GLY A 22 -9.04 -0.75 -19.22
C GLY A 22 -9.00 -2.24 -19.45
N SER A 23 -8.03 -2.89 -18.84
CA SER A 23 -7.77 -4.29 -19.12
C SER A 23 -7.34 -4.97 -17.84
N PRO A 24 -7.40 -6.29 -17.77
CA PRO A 24 -6.66 -6.97 -16.70
C PRO A 24 -5.19 -6.59 -16.81
N ALA A 25 -4.52 -6.59 -15.65
CA ALA A 25 -3.09 -6.35 -15.62
C ALA A 25 -2.41 -7.71 -15.68
N ILE A 26 -1.78 -8.02 -16.81
CA ILE A 26 -1.28 -9.36 -17.12
C ILE A 26 0.18 -9.47 -16.72
N ASN A 27 0.52 -10.64 -16.16
CA ASN A 27 1.91 -11.03 -15.87
C ASN A 27 2.50 -10.17 -14.76
N VAL A 28 1.67 -9.77 -13.80
CA VAL A 28 2.14 -8.98 -12.67
C VAL A 28 2.65 -9.94 -11.59
N ALA A 29 3.87 -9.71 -11.13
CA ALA A 29 4.40 -10.56 -10.08
C ALA A 29 3.77 -10.20 -8.75
N VAL A 30 3.44 -11.21 -7.96
CA VAL A 30 2.83 -11.06 -6.64
C VAL A 30 3.60 -11.94 -5.66
N HIS A 31 4.05 -11.34 -4.55
CA HIS A 31 4.76 -12.03 -3.50
C HIS A 31 3.95 -11.95 -2.22
N VAL A 32 3.76 -13.09 -1.56
CA VAL A 32 3.03 -13.14 -0.30
C VAL A 32 4.02 -13.46 0.80
N PHE A 33 3.95 -12.71 1.90
CA PHE A 33 4.81 -12.93 3.05
C PHE A 33 3.93 -13.13 4.27
N ARG A 34 4.45 -13.86 5.26
CA ARG A 34 3.76 -14.06 6.52
C ARG A 34 4.69 -13.67 7.66
N LYS A 35 4.17 -12.93 8.63
CA LYS A 35 5.00 -12.51 9.75
C LYS A 35 5.36 -13.70 10.64
N ALA A 36 6.66 -13.89 10.88
CA ALA A 36 7.14 -15.00 11.69
C ALA A 36 7.13 -14.62 13.17
N ALA A 37 7.47 -15.60 14.02
CA ALA A 37 7.47 -15.37 15.46
C ALA A 37 8.49 -14.31 15.86
N ASP A 38 9.59 -14.18 15.12
CA ASP A 38 10.59 -13.17 15.40
C ASP A 38 10.27 -11.82 14.77
N ASP A 39 9.03 -11.65 14.30
CA ASP A 39 8.50 -10.40 13.76
C ASP A 39 9.12 -10.02 12.42
N THR A 40 9.71 -10.97 11.70
CA THR A 40 10.19 -10.73 10.34
C THR A 40 9.22 -11.32 9.32
N TRP A 41 9.28 -10.79 8.11
CA TRP A 41 8.43 -11.23 7.00
C TRP A 41 9.06 -12.46 6.34
N GLU A 42 8.43 -13.61 6.51
CA GLU A 42 8.88 -14.84 5.86
C GLU A 42 8.18 -15.01 4.51
N PRO A 43 8.91 -15.40 3.46
CA PRO A 43 8.27 -15.69 2.18
C PRO A 43 7.24 -16.79 2.36
N PHE A 44 6.06 -16.60 1.77
CA PHE A 44 4.97 -17.54 1.93
C PHE A 44 4.52 -18.16 0.61
N ALA A 45 4.31 -17.35 -0.42
CA ALA A 45 3.99 -17.87 -1.74
C ALA A 45 4.20 -16.75 -2.75
N SER A 46 4.29 -17.11 -4.03
CA SER A 46 4.37 -16.08 -5.06
C SER A 46 3.86 -16.64 -6.38
N GLY A 47 3.56 -15.73 -7.30
CA GLY A 47 3.13 -16.11 -8.63
C GLY A 47 2.99 -14.88 -9.52
N LYS A 48 2.38 -15.09 -10.69
CA LYS A 48 2.16 -14.04 -11.69
C LYS A 48 0.69 -14.05 -12.10
N THR A 49 0.13 -12.87 -12.38
CA THR A 49 -1.26 -12.82 -12.84
C THR A 49 -1.37 -13.38 -14.25
N SER A 50 -2.52 -14.00 -14.52
CA SER A 50 -2.78 -14.64 -15.79
C SER A 50 -3.27 -13.60 -16.80
N GLU A 51 -3.73 -14.07 -17.97
CA GLU A 51 -4.31 -13.18 -18.97
C GLU A 51 -5.60 -12.53 -18.49
N SER A 52 -6.25 -13.07 -17.47
CA SER A 52 -7.44 -12.44 -16.89
C SER A 52 -7.10 -11.55 -15.71
N GLY A 53 -5.82 -11.34 -15.43
CA GLY A 53 -5.39 -10.55 -14.28
C GLY A 53 -5.53 -11.24 -12.96
N GLU A 54 -5.78 -12.55 -12.96
CA GLU A 54 -6.03 -13.29 -11.73
C GLU A 54 -4.85 -14.19 -11.40
N LEU A 55 -4.63 -14.37 -10.11
CA LEU A 55 -3.62 -15.30 -9.62
C LEU A 55 -4.31 -16.25 -8.65
N HIS A 56 -4.40 -17.52 -9.05
CA HIS A 56 -5.00 -18.58 -8.25
C HIS A 56 -3.92 -19.55 -7.78
N GLY A 57 -4.30 -20.38 -6.81
CA GLY A 57 -3.41 -21.44 -6.36
C GLY A 57 -2.19 -20.98 -5.60
N LEU A 58 -2.22 -19.79 -5.02
CA LEU A 58 -1.09 -19.34 -4.22
C LEU A 58 -0.88 -20.24 -3.00
N THR A 59 -1.96 -20.67 -2.36
CA THR A 59 -1.81 -21.46 -1.14
C THR A 59 -2.97 -22.45 -1.04
N THR A 60 -3.02 -23.16 0.08
CA THR A 60 -4.07 -24.13 0.34
C THR A 60 -4.71 -23.82 1.68
N GLU A 61 -5.88 -24.42 1.92
CA GLU A 61 -6.56 -24.23 3.19
C GLU A 61 -5.68 -24.67 4.36
N GLU A 62 -4.92 -25.76 4.18
CA GLU A 62 -4.05 -26.25 5.23
C GLU A 62 -2.89 -25.29 5.48
N GLU A 63 -2.36 -24.68 4.42
CA GLU A 63 -1.17 -23.86 4.57
C GLU A 63 -1.50 -22.48 5.08
N PHE A 64 -2.70 -21.98 4.78
CA PHE A 64 -3.10 -20.59 5.05
C PHE A 64 -3.64 -20.46 6.48
N VAL A 65 -2.74 -20.55 7.44
CA VAL A 65 -3.11 -20.54 8.86
C VAL A 65 -3.32 -19.10 9.30
N GLU A 66 -3.85 -18.91 10.52
CA GLU A 66 -3.94 -17.55 11.07
C GLU A 66 -2.57 -16.88 11.03
N GLY A 67 -2.56 -15.59 10.77
CA GLY A 67 -1.30 -14.87 10.78
C GLY A 67 -1.47 -13.49 10.21
N ILE A 68 -0.36 -12.77 10.18
CA ILE A 68 -0.32 -11.46 9.53
C ILE A 68 0.38 -11.64 8.19
N TYR A 69 -0.30 -11.27 7.12
CA TYR A 69 0.16 -11.54 5.78
C TYR A 69 0.40 -10.22 5.07
N LYS A 70 1.37 -10.22 4.18
CA LYS A 70 1.63 -9.08 3.31
C LYS A 70 1.57 -9.57 1.88
N VAL A 71 0.74 -8.93 1.07
CA VAL A 71 0.65 -9.21 -0.37
C VAL A 71 1.32 -8.04 -1.08
N GLU A 72 2.45 -8.32 -1.73
CA GLU A 72 3.23 -7.31 -2.43
C GLU A 72 3.02 -7.49 -3.92
N ILE A 73 2.45 -6.48 -4.57
CA ILE A 73 2.16 -6.53 -6.00
C ILE A 73 3.18 -5.68 -6.72
N ASP A 74 3.94 -6.27 -7.65
CA ASP A 74 5.07 -5.57 -8.27
C ASP A 74 4.55 -4.68 -9.39
N THR A 75 4.00 -3.54 -8.99
CA THR A 75 3.45 -2.60 -9.96
C THR A 75 4.54 -1.89 -10.75
N LYS A 76 5.72 -1.65 -10.14
CA LYS A 76 6.73 -0.90 -10.87
C LYS A 76 7.22 -1.66 -12.10
N SER A 77 7.49 -2.96 -11.95
CA SER A 77 7.91 -3.76 -13.11
C SER A 77 6.83 -3.79 -14.16
N TYR A 78 5.58 -3.84 -13.74
CA TYR A 78 4.48 -3.86 -14.69
C TYR A 78 4.48 -2.61 -15.56
N TRP A 79 4.50 -1.42 -14.94
CA TRP A 79 4.48 -0.18 -15.71
C TRP A 79 5.74 -0.05 -16.57
N LYS A 80 6.91 -0.43 -16.03
CA LYS A 80 8.13 -0.27 -16.81
C LYS A 80 8.16 -1.17 -18.03
N ALA A 81 7.58 -2.37 -17.94
CA ALA A 81 7.43 -3.20 -19.13
C ALA A 81 6.50 -2.57 -20.17
N LEU A 82 5.66 -1.63 -19.77
CA LEU A 82 4.80 -0.89 -20.69
C LEU A 82 5.39 0.45 -21.11
N GLY A 83 6.64 0.75 -20.70
CA GLY A 83 7.28 1.99 -21.09
C GLY A 83 6.95 3.18 -20.24
N ILE A 84 6.32 2.98 -19.09
CA ILE A 84 5.93 4.06 -18.19
C ILE A 84 6.83 4.01 -16.97
N SER A 85 7.25 5.18 -16.49
CA SER A 85 7.95 5.28 -15.22
C SER A 85 6.95 5.60 -14.12
N PRO A 86 6.57 4.64 -13.28
CA PRO A 86 5.52 4.88 -12.29
C PRO A 86 6.08 5.49 -11.02
N PHE A 87 5.16 5.83 -10.11
CA PHE A 87 5.55 6.45 -8.85
C PHE A 87 5.94 5.41 -7.81
N HIS A 88 5.11 4.40 -7.60
CA HIS A 88 5.26 3.47 -6.49
C HIS A 88 6.21 2.33 -6.83
N GLU A 89 6.87 1.81 -5.78
CA GLU A 89 7.69 0.62 -5.96
C GLU A 89 6.81 -0.61 -6.12
N HIS A 90 5.69 -0.64 -5.41
CA HIS A 90 4.75 -1.74 -5.47
C HIS A 90 3.52 -1.31 -4.69
N ALA A 91 2.50 -2.16 -4.73
CA ALA A 91 1.30 -2.00 -3.92
C ALA A 91 1.33 -3.07 -2.84
N GLU A 92 1.20 -2.68 -1.57
CA GLU A 92 1.29 -3.61 -0.45
C GLU A 92 -0.03 -3.66 0.31
N VAL A 93 -0.53 -4.87 0.51
CA VAL A 93 -1.75 -5.13 1.27
C VAL A 93 -1.36 -5.98 2.47
N VAL A 94 -1.54 -5.45 3.68
CA VAL A 94 -1.13 -6.14 4.91
C VAL A 94 -2.38 -6.34 5.76
N PHE A 95 -2.62 -7.58 6.18
CA PHE A 95 -3.85 -7.88 6.89
C PHE A 95 -3.65 -9.07 7.82
N THR A 96 -4.52 -9.15 8.81
CA THR A 96 -4.53 -10.26 9.74
C THR A 96 -5.63 -11.22 9.30
N SER A 97 -5.32 -12.50 9.24
CA SER A 97 -6.31 -13.51 8.89
C SER A 97 -6.73 -14.28 10.13
N ASN A 98 -8.00 -14.69 10.15
CA ASN A 98 -8.57 -15.43 11.27
C ASN A 98 -9.48 -16.55 10.78
N PRO A 102 -14.64 -14.69 6.76
CA PRO A 102 -13.17 -14.78 6.72
C PRO A 102 -12.58 -16.15 6.48
N ARG A 103 -12.87 -16.79 5.34
CA ARG A 103 -12.07 -17.95 4.93
C ARG A 103 -11.62 -17.93 3.47
N ARG A 104 -12.30 -17.24 2.56
CA ARG A 104 -11.75 -16.97 1.24
C ARG A 104 -11.55 -15.48 1.07
N TYR A 105 -10.31 -15.10 0.75
CA TYR A 105 -9.93 -13.70 0.54
C TYR A 105 -9.67 -13.49 -0.93
N THR A 106 -10.30 -12.48 -1.53
CA THR A 106 -9.87 -11.96 -2.82
C THR A 106 -9.28 -10.57 -2.59
N ILE A 107 -8.01 -10.39 -2.95
CA ILE A 107 -7.32 -9.12 -2.89
C ILE A 107 -7.33 -8.54 -4.30
N ALA A 108 -8.05 -7.45 -4.50
CA ALA A 108 -8.15 -6.82 -5.81
C ALA A 108 -7.40 -5.50 -5.79
N ALA A 109 -6.73 -5.18 -6.89
CA ALA A 109 -6.02 -3.91 -6.99
C ALA A 109 -6.29 -3.32 -8.35
N LEU A 110 -6.44 -1.99 -8.39
CA LEU A 110 -6.65 -1.23 -9.61
C LEU A 110 -5.49 -0.27 -9.74
N LEU A 111 -4.77 -0.31 -10.87
CA LEU A 111 -3.48 0.35 -10.97
C LEU A 111 -3.47 1.51 -11.96
N SER A 112 -2.85 2.61 -11.56
CA SER A 112 -2.52 3.73 -12.43
C SER A 112 -1.07 4.09 -12.17
N PRO A 113 -0.42 4.83 -13.08
CA PRO A 113 1.02 5.08 -12.89
C PRO A 113 1.36 5.82 -11.60
N TYR A 114 0.50 6.73 -11.13
CA TYR A 114 0.77 7.47 -9.90
C TYR A 114 -0.25 7.16 -8.80
N SER A 115 -0.99 6.06 -8.92
CA SER A 115 -2.04 5.81 -7.96
C SER A 115 -2.41 4.34 -8.01
N TYR A 116 -2.88 3.81 -6.89
CA TYR A 116 -3.55 2.52 -6.94
C TYR A 116 -4.62 2.46 -5.88
N SER A 117 -5.57 1.55 -6.07
CA SER A 117 -6.58 1.26 -5.08
C SER A 117 -6.54 -0.22 -4.80
N THR A 118 -6.90 -0.60 -3.58
CA THR A 118 -7.01 -2.01 -3.29
C THR A 118 -8.24 -2.25 -2.42
N THR A 119 -8.86 -3.41 -2.60
CA THR A 119 -10.00 -3.76 -1.79
C THR A 119 -9.92 -5.26 -1.52
N ALA A 120 -10.57 -5.68 -0.45
CA ALA A 120 -10.63 -7.09 -0.08
C ALA A 120 -12.06 -7.55 -0.14
N VAL A 121 -12.30 -8.68 -0.80
CA VAL A 121 -13.61 -9.32 -0.83
C VAL A 121 -13.47 -10.61 -0.05
N VAL A 122 -14.15 -10.69 1.10
CA VAL A 122 -13.97 -11.80 2.01
C VAL A 122 -15.28 -12.56 2.11
N THR A 123 -15.26 -13.83 1.69
CA THR A 123 -16.46 -14.64 1.58
C THR A 123 -16.25 -15.98 2.27
N ASN A 124 -17.35 -16.65 2.61
CA ASN A 124 -17.31 -17.97 3.23
C ASN A 124 -17.35 -19.06 2.17
N CYS B 10 8.28 22.69 2.44
CA CYS B 10 7.64 21.42 2.77
C CYS B 10 7.67 20.45 1.60
N PRO B 11 8.72 19.62 1.52
CA PRO B 11 8.85 18.71 0.38
C PRO B 11 7.93 17.49 0.43
N LEU B 12 7.35 17.17 1.58
CA LEU B 12 6.59 15.93 1.74
C LEU B 12 5.41 16.19 2.65
N MET B 13 4.19 16.04 2.11
CA MET B 13 2.96 16.26 2.85
C MET B 13 2.09 15.01 2.72
N VAL B 14 1.29 14.73 3.74
CA VAL B 14 0.39 13.58 3.72
C VAL B 14 -1.03 14.08 3.99
N LYS B 15 -1.99 13.60 3.19
CA LYS B 15 -3.38 14.00 3.36
C LYS B 15 -4.23 12.73 3.37
N VAL B 16 -5.09 12.59 4.37
CA VAL B 16 -5.86 11.37 4.56
C VAL B 16 -7.33 11.73 4.68
N LEU B 17 -8.17 10.99 3.94
CA LEU B 17 -9.60 11.26 3.87
C LEU B 17 -10.37 9.99 4.24
N ASP B 18 -11.57 10.19 4.79
CA ASP B 18 -12.41 9.10 5.25
C ASP B 18 -13.62 8.99 4.32
N ALA B 19 -13.74 7.84 3.64
CA ALA B 19 -14.77 7.61 2.64
C ALA B 19 -16.08 7.14 3.23
N VAL B 20 -16.10 6.79 4.52
CA VAL B 20 -17.33 6.39 5.19
C VAL B 20 -18.06 7.58 5.78
N ARG B 21 -17.30 8.49 6.39
CA ARG B 21 -17.84 9.66 7.04
C ARG B 21 -17.80 10.90 6.16
N GLY B 22 -17.13 10.83 5.01
CA GLY B 22 -17.05 11.98 4.13
C GLY B 22 -16.34 13.14 4.76
N SER B 23 -15.18 12.90 5.35
CA SER B 23 -14.54 13.91 6.17
C SER B 23 -13.04 13.69 6.12
N PRO B 24 -12.24 14.67 6.53
CA PRO B 24 -10.83 14.37 6.78
C PRO B 24 -10.71 13.27 7.81
N ALA B 25 -9.65 12.47 7.68
CA ALA B 25 -9.33 11.44 8.66
C ALA B 25 -8.40 12.08 9.68
N ILE B 26 -8.94 12.39 10.87
CA ILE B 26 -8.26 13.19 11.87
C ILE B 26 -7.58 12.30 12.89
N ASN B 27 -6.40 12.72 13.36
CA ASN B 27 -5.64 12.00 14.39
C ASN B 27 -5.19 10.62 13.94
N VAL B 28 -4.84 10.50 12.67
CA VAL B 28 -4.29 9.26 12.14
C VAL B 28 -2.78 9.30 12.29
N ALA B 29 -2.21 8.26 12.87
CA ALA B 29 -0.76 8.20 12.98
C ALA B 29 -0.17 7.84 11.62
N VAL B 30 0.90 8.52 11.25
CA VAL B 30 1.61 8.31 9.99
C VAL B 30 3.08 8.19 10.31
N HIS B 31 3.72 7.13 9.83
CA HIS B 31 5.15 6.93 10.01
C HIS B 31 5.83 6.89 8.66
N VAL B 32 6.92 7.63 8.51
CA VAL B 32 7.71 7.62 7.29
C VAL B 32 9.02 6.90 7.57
N PHE B 33 9.41 6.01 6.67
CA PHE B 33 10.67 5.29 6.78
C PHE B 33 11.49 5.51 5.53
N ARG B 34 12.80 5.39 5.65
CA ARG B 34 13.64 5.40 4.46
C ARG B 34 14.44 4.10 4.44
N LYS B 35 14.65 3.55 3.25
CA LYS B 35 15.40 2.30 3.13
C LYS B 35 16.88 2.55 3.35
N ALA B 36 17.48 1.75 4.24
CA ALA B 36 18.90 1.85 4.56
C ALA B 36 19.71 0.91 3.68
N ALA B 37 21.03 1.09 3.72
CA ALA B 37 21.92 0.32 2.84
C ALA B 37 21.76 -1.17 3.05
N ASP B 38 21.60 -1.61 4.31
CA ASP B 38 21.34 -3.03 4.59
C ASP B 38 19.93 -3.49 4.20
N ASP B 39 19.16 -2.68 3.48
CA ASP B 39 17.86 -3.04 2.94
C ASP B 39 16.78 -3.15 4.02
N THR B 40 16.98 -2.54 5.18
CA THR B 40 15.94 -2.46 6.20
C THR B 40 15.31 -1.08 6.17
N TRP B 41 14.13 -0.98 6.77
CA TRP B 41 13.41 0.29 6.86
C TRP B 41 13.85 1.02 8.12
N GLU B 42 14.34 2.22 7.96
CA GLU B 42 14.71 2.95 9.16
C GLU B 42 13.77 4.12 9.38
N PRO B 43 13.34 4.35 10.62
CA PRO B 43 12.45 5.49 10.89
C PRO B 43 13.07 6.79 10.39
N PHE B 44 12.21 7.66 9.87
CA PHE B 44 12.64 8.90 9.24
C PHE B 44 11.87 10.08 9.82
N ALA B 45 10.54 9.95 9.93
CA ALA B 45 9.70 11.03 10.44
C ALA B 45 8.34 10.43 10.78
N SER B 46 7.56 11.16 11.57
CA SER B 46 6.19 10.70 11.84
C SER B 46 5.36 11.84 12.43
N GLY B 47 4.07 11.57 12.56
CA GLY B 47 3.16 12.54 13.14
C GLY B 47 1.75 12.01 13.09
N LYS B 48 0.81 12.88 13.46
CA LYS B 48 -0.62 12.60 13.43
C LYS B 48 -1.29 13.62 12.52
N THR B 49 -2.27 13.18 11.72
CA THR B 49 -2.99 14.12 10.86
C THR B 49 -3.78 15.13 11.67
N SER B 50 -3.90 16.33 11.10
CA SER B 50 -4.58 17.44 11.73
C SER B 50 -6.10 17.29 11.55
N GLU B 51 -6.83 18.35 11.94
CA GLU B 51 -8.28 18.39 11.78
C GLU B 51 -8.66 18.48 10.31
N SER B 52 -7.73 18.88 9.45
CA SER B 52 -7.94 18.88 8.02
C SER B 52 -7.44 17.61 7.36
N GLY B 53 -7.03 16.63 8.15
CA GLY B 53 -6.51 15.39 7.62
C GLY B 53 -5.11 15.50 7.05
N GLU B 54 -4.39 16.59 7.36
CA GLU B 54 -3.10 16.86 6.76
C GLU B 54 -1.98 16.69 7.76
N LEU B 55 -0.82 16.29 7.26
CA LEU B 55 0.40 16.20 8.07
C LEU B 55 1.47 16.95 7.32
N HIS B 56 1.89 18.08 7.87
CA HIS B 56 2.93 18.94 7.32
C HIS B 56 4.17 18.88 8.22
N GLY B 57 5.27 19.42 7.70
CA GLY B 57 6.47 19.52 8.52
C GLY B 57 7.13 18.21 8.86
N LEU B 58 6.94 17.18 8.04
CA LEU B 58 7.57 15.90 8.32
C LEU B 58 9.08 15.98 8.17
N THR B 59 9.57 16.71 7.16
CA THR B 59 11.00 16.72 6.88
C THR B 59 11.36 18.05 6.24
N THR B 60 12.63 18.19 5.86
CA THR B 60 13.11 19.40 5.21
C THR B 60 13.71 19.03 3.86
N GLU B 61 13.88 20.05 3.01
CA GLU B 61 14.55 19.82 1.74
C GLU B 61 15.95 19.24 1.94
N GLU B 62 16.66 19.71 2.97
CA GLU B 62 18.01 19.20 3.21
C GLU B 62 18.00 17.71 3.53
N GLU B 63 17.03 17.26 4.33
CA GLU B 63 17.05 15.89 4.82
C GLU B 63 16.42 14.93 3.82
N PHE B 64 15.49 15.42 2.99
CA PHE B 64 14.70 14.58 2.07
C PHE B 64 15.47 14.31 0.78
N VAL B 65 16.54 13.54 0.91
CA VAL B 65 17.39 13.23 -0.23
C VAL B 65 16.78 12.06 -1.01
N GLU B 66 17.26 11.89 -2.24
CA GLU B 66 16.80 10.76 -3.06
C GLU B 66 16.96 9.44 -2.31
N GLY B 67 15.95 8.61 -2.39
CA GLY B 67 15.96 7.33 -1.70
C GLY B 67 14.61 6.67 -1.85
N ILE B 68 14.50 5.48 -1.26
CA ILE B 68 13.24 4.76 -1.23
C ILE B 68 12.59 5.02 0.12
N TYR B 69 11.35 5.47 0.08
CA TYR B 69 10.61 5.86 1.28
C TYR B 69 9.34 5.04 1.39
N LYS B 70 8.95 4.79 2.62
CA LYS B 70 7.68 4.13 2.93
C LYS B 70 6.88 5.05 3.84
N VAL B 71 5.64 5.32 3.45
CA VAL B 71 4.69 6.04 4.30
C VAL B 71 3.68 5.03 4.81
N GLU B 72 3.66 4.80 6.12
CA GLU B 72 2.76 3.86 6.76
C GLU B 72 1.66 4.64 7.48
N ILE B 73 0.42 4.40 7.09
CA ILE B 73 -0.74 5.08 7.67
C ILE B 73 -1.46 4.09 8.56
N ASP B 74 -1.59 4.41 9.86
CA ASP B 74 -2.12 3.43 10.81
C ASP B 74 -3.64 3.47 10.71
N THR B 75 -4.14 2.85 9.64
CA THR B 75 -5.59 2.84 9.39
C THR B 75 -6.34 1.99 10.40
N LYS B 76 -5.71 0.94 10.91
CA LYS B 76 -6.46 0.03 11.77
C LYS B 76 -6.84 0.71 13.07
N SER B 77 -5.92 1.46 13.68
CA SER B 77 -6.27 2.20 14.90
C SER B 77 -7.32 3.26 14.63
N TYR B 78 -7.31 3.86 13.45
CA TYR B 78 -8.31 4.85 13.10
C TYR B 78 -9.71 4.24 13.07
N TRP B 79 -9.86 3.10 12.38
CA TRP B 79 -11.18 2.45 12.31
C TRP B 79 -11.59 1.90 13.65
N LYS B 80 -10.65 1.41 14.45
CA LYS B 80 -11.04 0.91 15.77
C LYS B 80 -11.54 2.04 16.66
N ALA B 81 -11.00 3.25 16.50
CA ALA B 81 -11.45 4.37 17.32
C ALA B 81 -12.86 4.80 16.94
N LEU B 82 -13.27 4.56 15.70
CA LEU B 82 -14.63 4.84 15.26
C LEU B 82 -15.58 3.65 15.44
N GLY B 83 -15.10 2.53 15.98
CA GLY B 83 -15.94 1.37 16.20
C GLY B 83 -16.26 0.56 14.97
N ILE B 84 -15.43 0.60 13.94
CA ILE B 84 -15.70 -0.05 12.66
C ILE B 84 -14.62 -1.10 12.41
N SER B 85 -15.05 -2.31 12.07
CA SER B 85 -14.13 -3.42 11.90
C SER B 85 -13.34 -3.27 10.60
N PRO B 86 -12.01 -3.16 10.66
CA PRO B 86 -11.24 -2.97 9.43
C PRO B 86 -10.54 -4.21 8.93
N PHE B 87 -10.12 -4.18 7.67
CA PHE B 87 -9.40 -5.30 7.10
C PHE B 87 -7.88 -5.16 7.23
N HIS B 88 -7.34 -4.03 6.81
CA HIS B 88 -5.89 -3.85 6.73
C HIS B 88 -5.27 -3.54 8.09
N GLU B 89 -4.01 -3.97 8.27
CA GLU B 89 -3.23 -3.48 9.40
C GLU B 89 -2.91 -2.00 9.23
N HIS B 90 -2.54 -1.59 8.02
CA HIS B 90 -2.23 -0.21 7.74
C HIS B 90 -2.23 -0.05 6.23
N ALA B 91 -2.08 1.19 5.80
CA ALA B 91 -1.89 1.51 4.39
C ALA B 91 -0.42 1.87 4.21
N GLU B 92 0.22 1.28 3.22
CA GLU B 92 1.65 1.47 2.97
C GLU B 92 1.82 2.04 1.58
N VAL B 93 2.62 3.11 1.48
CA VAL B 93 2.91 3.75 0.22
C VAL B 93 4.42 3.80 0.10
N VAL B 94 4.97 3.10 -0.89
CA VAL B 94 6.41 2.96 -1.05
C VAL B 94 6.80 3.53 -2.40
N PHE B 95 7.78 4.43 -2.40
CA PHE B 95 8.13 5.13 -3.63
C PHE B 95 9.58 5.57 -3.56
N THR B 96 10.18 5.80 -4.73
CA THR B 96 11.52 6.38 -4.80
C THR B 96 11.37 7.86 -5.12
N SER B 97 11.98 8.71 -4.29
CA SER B 97 11.96 10.13 -4.61
C SER B 97 13.00 10.42 -5.68
N ASN B 98 12.73 11.45 -6.46
CA ASN B 98 13.53 11.75 -7.64
C ASN B 98 13.77 13.25 -7.69
N ASP B 99 15.03 13.66 -7.75
CA ASP B 99 15.36 15.08 -7.76
C ASP B 99 15.38 15.66 -9.17
N SER B 100 14.46 15.24 -10.04
CA SER B 100 14.45 15.74 -11.41
C SER B 100 13.73 17.09 -11.43
N GLY B 101 14.47 18.15 -11.13
CA GLY B 101 13.92 19.48 -11.05
C GLY B 101 13.23 19.71 -9.71
N PRO B 102 12.70 20.92 -9.50
CA PRO B 102 12.03 21.22 -8.23
C PRO B 102 10.72 20.44 -8.11
N ARG B 103 10.52 19.82 -6.95
CA ARG B 103 9.37 18.94 -6.76
C ARG B 103 8.93 18.99 -5.30
N ARG B 104 7.61 19.00 -5.08
CA ARG B 104 7.02 18.74 -3.77
C ARG B 104 6.06 17.56 -3.91
N TYR B 105 6.03 16.71 -2.90
CA TYR B 105 5.25 15.48 -2.93
C TYR B 105 4.09 15.56 -1.94
N THR B 106 2.88 15.31 -2.42
CA THR B 106 1.74 15.13 -1.54
C THR B 106 1.29 13.68 -1.70
N ILE B 107 1.33 12.91 -0.62
CA ILE B 107 0.83 11.54 -0.64
C ILE B 107 -0.59 11.61 -0.07
N ALA B 108 -1.59 11.29 -0.90
CA ALA B 108 -2.98 11.34 -0.47
C ALA B 108 -3.56 9.93 -0.39
N ALA B 109 -4.40 9.71 0.62
CA ALA B 109 -5.00 8.40 0.83
C ALA B 109 -6.47 8.58 1.17
N LEU B 110 -7.30 7.70 0.60
CA LEU B 110 -8.74 7.70 0.83
C LEU B 110 -9.07 6.36 1.47
N LEU B 111 -9.66 6.38 2.66
CA LEU B 111 -9.78 5.18 3.47
C LEU B 111 -11.21 4.69 3.57
N SER B 112 -11.37 3.38 3.43
CA SER B 112 -12.59 2.65 3.75
C SER B 112 -12.19 1.45 4.59
N PRO B 113 -13.13 0.84 5.31
CA PRO B 113 -12.74 -0.26 6.21
C PRO B 113 -12.08 -1.43 5.51
N TYR B 114 -12.51 -1.76 4.29
CA TYR B 114 -11.95 -2.88 3.56
C TYR B 114 -11.25 -2.47 2.27
N SER B 115 -10.90 -1.19 2.15
CA SER B 115 -10.33 -0.70 0.89
C SER B 115 -9.58 0.58 1.17
N TYR B 116 -8.51 0.81 0.43
CA TYR B 116 -7.94 2.15 0.40
C TYR B 116 -7.39 2.47 -0.98
N SER B 117 -7.33 3.75 -1.26
CA SER B 117 -6.75 4.27 -2.49
C SER B 117 -5.69 5.28 -2.12
N THR B 118 -4.67 5.38 -2.94
CA THR B 118 -3.64 6.36 -2.68
C THR B 118 -3.17 6.92 -4.02
N THR B 119 -2.82 8.20 -4.00
CA THR B 119 -2.28 8.83 -5.19
C THR B 119 -1.17 9.76 -4.75
N ALA B 120 -0.29 10.06 -5.69
CA ALA B 120 0.78 11.01 -5.46
C ALA B 120 0.48 12.25 -6.28
N VAL B 121 0.54 13.42 -5.65
CA VAL B 121 0.41 14.69 -6.34
C VAL B 121 1.78 15.34 -6.27
N VAL B 122 2.46 15.43 -7.41
CA VAL B 122 3.83 15.90 -7.49
C VAL B 122 3.83 17.21 -8.26
N THR B 123 4.24 18.30 -7.60
CA THR B 123 4.10 19.63 -8.17
C THR B 123 5.44 20.35 -8.11
N ASN B 124 5.55 21.40 -8.91
CA ASN B 124 6.77 22.17 -8.98
C ASN B 124 6.43 23.61 -8.60
OAA 3MI C . -14.30 -10.39 -11.60
OAB 3MI C . -14.89 -8.67 -12.77
CAE 3MI C . -13.01 -8.86 -9.77
CAF 3MI C . -12.43 -7.98 -8.86
CAG 3MI C . -11.79 -0.69 -7.55
CAH 3MI C . -12.93 -2.23 -9.00
CAI 3MI C . -11.29 -3.04 -7.44
CAJ 3MI C . -13.81 -6.94 -10.95
NAK 3MI C . -12.11 -5.64 -8.28
OAL 3MI C . -13.19 -4.78 -9.92
CAM 3MI C . -14.31 -9.16 -11.77
CAN 3MI C . -12.73 -0.94 -8.54
CAO 3MI C . -11.06 -1.73 -7.00
CAP 3MI C . -13.73 -8.31 -10.83
CAQ 3MI C . -12.25 -3.28 -8.43
CAR 3MI C . -12.46 -4.52 -8.89
CAS 3MI C . -12.56 -6.65 -9.02
CAT 3MI C . -13.24 -6.15 -10.04
CLC 3MI C . -13.64 0.36 -9.24
CLD 3MI C . -9.88 -1.41 -5.75
OAA 3MI D . -3.96 17.77 -1.18
OAB 3MI D . -5.47 19.27 -0.84
CAE 3MI D . -7.47 17.57 -1.62
CAF 3MI D . -8.42 16.63 -1.99
CAG 3MI D . -8.90 9.43 -3.96
CAH 3MI D . -7.38 11.08 -3.09
CAI 3MI D . -9.58 11.73 -3.78
CAJ 3MI D . -5.83 15.86 -1.88
NAK 3MI D . -8.81 14.32 -2.67
OAL 3MI D . -6.77 13.67 -2.57
CAM 3MI D . -5.16 18.10 -1.20
CAN 3MI D . -7.66 9.76 -3.42
CAO 3MI D . -9.87 10.40 -4.14
CAP 3MI D . -6.14 17.18 -1.55
CAQ 3MI D . -8.34 12.06 -3.22
CAR 3MI D . -8.00 13.31 -2.89
CAS 3MI D . -8.07 15.37 -2.29
CAT 3MI D . -6.80 15.01 -2.24
CLC 3MI D . -6.44 8.59 -3.17
CLD 3MI D . -11.45 9.95 -4.83
#